data_5RHS
#
_entry.id   5RHS
#
_cell.length_a   53.474
_cell.length_b   68.861
_cell.length_c   57.089
_cell.angle_alpha   90.000
_cell.angle_beta   92.420
_cell.angle_gamma   90.000
#
_symmetry.space_group_name_H-M   'P 1 21 1'
#
loop_
_entity.id
_entity.type
_entity.pdbx_description
1 polymer 'NS3 Helicase'
2 non-polymer 1,2-ETHANEDIOL
3 non-polymer 'PHOSPHATE ION'
4 non-polymer (4S)-2-METHYL-2,4-PENTANEDIOL
5 non-polymer N-(3-acetylphenyl)morpholine-4-carboxamide
6 water water
#
_entity_poly.entity_id   1
_entity_poly.type   'polypeptide(L)'
_entity_poly.pdbx_seq_one_letter_code
;MLKKKQLTVLDLHPGAGKTRRVLPEIVREAIKKRLRTVILAPTRVVAAEMEEALRGLPVRYMTTAVNVTHSGTEIVDLMC
HATFTSRLLQPIRVPNYNLNIMDEAHFTDPSSIAARGYISTRVEMGEAAAIFMTATPPGTRDAFPDSNSPIMDTEVEVPE
RAWSSGFDWVTDHSGKTVWFVPSVRNGNEIAACLTKAGKRVIQLSRKTFETEFQKTKNQEWDFVITTDISEMGANFKADR
VIDSRRCLKPVILDGERVILAGPMPVTHASAAQRRGRIGRNPNKPGDEYMYGGGCAETDEGHAHWLEARMLLDNIYLQDG
LIASLYRPEADKVAAIEGEFKLRTEQRKTFVELMKRGDLPVWLAYQVASAGITYTDRRWCFDGTTNNTIMEDSVPAEVWT
KYGEKRVLKPRWMDARVCSDHAALKSFKEFAAGKR
;
_entity_poly.pdbx_strand_id   A
#
# COMPACT_ATOMS: atom_id res chain seq x y z
N MET A 1 -16.96 0.90 -21.85
CA MET A 1 -16.37 0.25 -20.63
C MET A 1 -17.49 -0.21 -19.67
N LEU A 2 -18.68 0.43 -19.75
CA LEU A 2 -19.64 0.47 -18.60
C LEU A 2 -20.60 -0.74 -18.62
N LYS A 3 -20.56 -1.58 -19.69
CA LYS A 3 -21.35 -2.84 -19.89
C LYS A 3 -21.02 -3.91 -18.84
N LYS A 4 -22.06 -4.49 -18.25
CA LYS A 4 -21.93 -5.61 -17.29
C LYS A 4 -20.96 -6.63 -17.90
N LYS A 5 -20.39 -7.47 -17.05
CA LYS A 5 -19.37 -8.50 -17.40
C LYS A 5 -18.16 -7.86 -18.09
N GLN A 6 -17.92 -6.54 -18.05
CA GLN A 6 -16.64 -6.03 -18.64
C GLN A 6 -15.66 -5.57 -17.55
N LEU A 7 -14.40 -6.01 -17.62
CA LEU A 7 -13.28 -5.43 -16.84
C LEU A 7 -12.34 -4.77 -17.84
N THR A 8 -12.21 -3.44 -17.79
CA THR A 8 -11.27 -2.64 -18.62
C THR A 8 -10.04 -2.22 -17.80
N VAL A 9 -8.84 -2.41 -18.34
CA VAL A 9 -7.57 -1.91 -17.78
C VAL A 9 -7.26 -0.63 -18.54
N LEU A 10 -7.42 0.50 -17.88
CA LEU A 10 -7.09 1.83 -18.40
C LEU A 10 -5.62 2.08 -18.04
N ASP A 11 -4.76 1.79 -19.03
CA ASP A 11 -3.29 1.66 -18.88
C ASP A 11 -2.60 2.82 -19.63
N LEU A 12 -3.23 3.98 -19.71
CA LEU A 12 -2.53 5.20 -20.19
C LEU A 12 -1.27 5.37 -19.33
N HIS A 13 -0.19 5.89 -19.92
CA HIS A 13 1.08 6.14 -19.21
C HIS A 13 0.91 7.06 -18.00
N PRO A 14 1.86 7.02 -17.05
CA PRO A 14 1.81 7.89 -15.87
C PRO A 14 1.72 9.36 -16.33
N GLY A 15 0.82 10.12 -15.71
CA GLY A 15 0.59 11.55 -16.03
C GLY A 15 -0.27 11.77 -17.28
N ALA A 16 -0.87 10.73 -17.87
CA ALA A 16 -1.67 10.86 -19.12
C ALA A 16 -3.04 11.49 -18.86
N GLY A 17 -3.45 11.63 -17.60
CA GLY A 17 -4.72 12.27 -17.22
C GLY A 17 -5.81 11.31 -16.77
N LYS A 18 -5.44 10.07 -16.40
CA LYS A 18 -6.45 9.05 -15.99
C LYS A 18 -7.31 9.64 -14.86
N THR A 19 -6.71 10.26 -13.85
CA THR A 19 -7.45 10.70 -12.64
C THR A 19 -8.18 12.01 -12.94
N ARG A 20 -7.53 12.99 -13.56
CA ARG A 20 -8.08 14.37 -13.64
C ARG A 20 -8.97 14.56 -14.88
N ARG A 21 -8.77 13.79 -15.95
CA ARG A 21 -9.51 13.97 -17.21
C ARG A 21 -10.46 12.79 -17.44
N VAL A 22 -9.98 11.55 -17.41
CA VAL A 22 -10.80 10.37 -17.83
C VAL A 22 -11.81 10.05 -16.72
N LEU A 23 -11.35 9.97 -15.47
CA LEU A 23 -12.26 9.56 -14.36
C LEU A 23 -13.53 10.42 -14.35
N PRO A 24 -13.50 11.77 -14.43
CA PRO A 24 -14.74 12.52 -14.38
C PRO A 24 -15.68 12.17 -15.54
N GLU A 25 -15.14 11.90 -16.73
CA GLU A 25 -15.93 11.47 -17.92
C GLU A 25 -16.61 10.14 -17.58
N ILE A 26 -15.88 9.19 -17.01
CA ILE A 26 -16.47 7.87 -16.62
C ILE A 26 -17.60 8.09 -15.62
N VAL A 27 -17.39 8.93 -14.61
CA VAL A 27 -18.38 9.18 -13.54
C VAL A 27 -19.63 9.83 -14.12
N ARG A 28 -19.47 10.81 -15.00
CA ARG A 28 -20.63 11.46 -15.64
C ARG A 28 -21.45 10.42 -16.40
N GLU A 29 -20.78 9.55 -17.15
CA GLU A 29 -21.48 8.51 -17.96
C GLU A 29 -22.17 7.54 -17.02
N ALA A 30 -21.52 7.15 -15.92
CA ALA A 30 -22.11 6.19 -14.95
C ALA A 30 -23.39 6.78 -14.36
N ILE A 31 -23.36 8.05 -13.96
CA ILE A 31 -24.54 8.74 -13.37
C ILE A 31 -25.67 8.78 -14.42
N LYS A 32 -25.38 9.14 -15.66
CA LYS A 32 -26.38 9.17 -16.78
C LYS A 32 -27.03 7.79 -16.87
N LYS A 33 -26.25 6.72 -16.72
CA LYS A 33 -26.78 5.35 -16.90
C LYS A 33 -27.33 4.77 -15.60
N ARG A 34 -27.40 5.53 -14.49
CA ARG A 34 -27.93 5.07 -13.19
C ARG A 34 -27.18 3.81 -12.76
N LEU A 35 -25.86 3.80 -12.94
CA LEU A 35 -24.97 2.73 -12.39
C LEU A 35 -24.56 3.13 -10.98
N ARG A 36 -24.91 2.32 -10.00
CA ARG A 36 -24.41 2.47 -8.61
C ARG A 36 -22.89 2.21 -8.71
N THR A 37 -22.08 3.20 -8.38
CA THR A 37 -20.65 3.18 -8.73
C THR A 37 -19.81 3.34 -7.47
N VAL A 38 -18.73 2.57 -7.35
CA VAL A 38 -17.73 2.83 -6.31
C VAL A 38 -16.45 3.27 -7.01
N ILE A 39 -15.76 4.25 -6.41
CA ILE A 39 -14.41 4.73 -6.82
C ILE A 39 -13.50 4.46 -5.63
N LEU A 40 -12.42 3.74 -5.88
CA LEU A 40 -11.46 3.28 -4.84
C LEU A 40 -10.15 4.02 -5.01
N ALA A 41 -9.82 4.87 -4.03
CA ALA A 41 -8.56 5.63 -3.94
C ALA A 41 -7.59 4.84 -3.07
N PRO A 42 -6.29 4.78 -3.43
CA PRO A 42 -5.33 4.03 -2.64
C PRO A 42 -5.06 4.66 -1.26
N THR A 43 -5.12 5.99 -1.19
CA THR A 43 -4.77 6.79 0.01
C THR A 43 -5.74 7.95 0.16
N ARG A 44 -5.76 8.52 1.37
N ARG A 44 -5.73 8.55 1.36
CA ARG A 44 -6.59 9.71 1.70
CA ARG A 44 -6.59 9.69 1.70
C ARG A 44 -6.09 10.87 0.85
C ARG A 44 -6.06 10.95 1.01
N VAL A 45 -4.77 10.96 0.62
CA VAL A 45 -4.20 12.04 -0.24
C VAL A 45 -4.84 11.94 -1.62
N VAL A 46 -4.90 10.75 -2.24
CA VAL A 46 -5.50 10.60 -3.59
C VAL A 46 -7.00 10.89 -3.50
N ALA A 47 -7.68 10.46 -2.44
CA ALA A 47 -9.12 10.73 -2.23
C ALA A 47 -9.36 12.23 -2.35
N ALA A 48 -8.58 13.05 -1.64
CA ALA A 48 -8.69 14.54 -1.68
C ALA A 48 -8.44 15.07 -3.09
N GLU A 49 -7.43 14.58 -3.82
CA GLU A 49 -7.15 14.98 -5.24
C GLU A 49 -8.34 14.63 -6.13
N MET A 50 -8.95 13.48 -5.89
CA MET A 50 -10.16 13.06 -6.65
C MET A 50 -11.31 14.01 -6.39
N GLU A 51 -11.52 14.43 -5.14
CA GLU A 51 -12.61 15.39 -4.84
C GLU A 51 -12.39 16.63 -5.72
N GLU A 52 -11.16 17.10 -5.85
CA GLU A 52 -10.90 18.31 -6.67
C GLU A 52 -11.26 18.03 -8.15
N ALA A 53 -10.87 16.88 -8.68
CA ALA A 53 -11.11 16.47 -10.08
C ALA A 53 -12.60 16.26 -10.33
N LEU A 54 -13.33 15.84 -9.30
CA LEU A 54 -14.75 15.47 -9.44
C LEU A 54 -15.64 16.58 -8.91
N ARG A 55 -15.09 17.75 -8.56
CA ARG A 55 -15.83 18.77 -7.76
C ARG A 55 -17.12 19.16 -8.48
N GLY A 56 -18.24 19.20 -7.76
CA GLY A 56 -19.57 19.53 -8.31
C GLY A 56 -20.36 18.30 -8.73
N LEU A 57 -19.70 17.22 -9.17
CA LEU A 57 -20.35 15.92 -9.47
C LEU A 57 -20.90 15.32 -8.19
N PRO A 58 -22.06 14.64 -8.25
CA PRO A 58 -22.70 14.08 -7.07
C PRO A 58 -22.02 12.77 -6.64
N VAL A 59 -21.02 12.91 -5.79
CA VAL A 59 -20.18 11.79 -5.27
C VAL A 59 -20.24 11.81 -3.75
N ARG A 60 -20.50 10.66 -3.13
CA ARG A 60 -20.53 10.48 -1.66
C ARG A 60 -19.12 10.09 -1.21
N TYR A 61 -18.46 10.96 -0.46
CA TYR A 61 -17.06 10.79 0.02
C TYR A 61 -17.09 10.05 1.34
N MET A 62 -16.80 8.76 1.29
CA MET A 62 -16.86 7.87 2.47
C MET A 62 -15.46 7.88 3.10
N THR A 63 -15.00 9.07 3.51
CA THR A 63 -13.61 9.29 4.00
C THR A 63 -13.61 10.62 4.76
N THR A 64 -12.91 10.72 5.90
CA THR A 64 -12.81 12.02 6.64
C THR A 64 -11.75 12.91 5.99
N ALA A 65 -11.09 12.46 4.94
CA ALA A 65 -10.06 13.21 4.17
C ALA A 65 -10.66 14.37 3.38
N VAL A 66 -11.98 14.34 3.17
CA VAL A 66 -12.80 15.35 2.41
C VAL A 66 -13.83 15.90 3.41
N ASN A 67 -13.97 17.22 3.49
CA ASN A 67 -15.03 17.88 4.29
C ASN A 67 -16.07 18.41 3.29
N VAL A 68 -17.06 17.60 2.92
CA VAL A 68 -18.19 18.05 2.03
C VAL A 68 -19.53 17.62 2.64
N THR A 69 -20.49 18.54 2.62
CA THR A 69 -21.90 18.27 2.99
C THR A 69 -22.55 17.59 1.77
N HIS A 70 -22.97 16.33 1.94
CA HIS A 70 -23.59 15.46 0.90
C HIS A 70 -25.09 15.71 0.78
N SER A 71 -25.64 15.52 -0.42
CA SER A 71 -27.08 15.73 -0.72
C SER A 71 -27.90 14.59 -0.12
N GLY A 72 -27.33 13.39 -0.02
CA GLY A 72 -28.06 12.17 0.35
C GLY A 72 -28.61 11.43 -0.87
N THR A 73 -28.41 11.95 -2.08
CA THR A 73 -28.93 11.40 -3.36
C THR A 73 -27.81 10.86 -4.28
N GLU A 74 -26.56 10.89 -3.85
CA GLU A 74 -25.45 10.38 -4.68
C GLU A 74 -25.65 8.88 -4.92
N ILE A 75 -25.38 8.40 -6.13
CA ILE A 75 -25.28 6.95 -6.44
C ILE A 75 -23.82 6.56 -6.71
N VAL A 76 -22.90 7.50 -6.55
CA VAL A 76 -21.44 7.23 -6.73
C VAL A 76 -20.80 7.38 -5.35
N ASP A 77 -20.09 6.35 -4.89
CA ASP A 77 -19.39 6.38 -3.59
C ASP A 77 -17.89 6.41 -3.85
N LEU A 78 -17.14 7.13 -3.02
CA LEU A 78 -15.67 7.16 -3.12
C LEU A 78 -15.13 6.77 -1.73
N MET A 79 -14.27 5.77 -1.70
CA MET A 79 -13.63 5.37 -0.45
C MET A 79 -12.25 4.82 -0.78
N CYS A 80 -11.46 4.60 0.26
CA CYS A 80 -10.11 4.01 0.07
C CYS A 80 -10.21 2.52 -0.26
N HIS A 81 -9.21 1.98 -0.96
CA HIS A 81 -9.10 0.52 -1.20
C HIS A 81 -9.33 -0.24 0.11
N ALA A 82 -8.62 0.17 1.16
CA ALA A 82 -8.66 -0.57 2.44
C ALA A 82 -10.05 -0.51 3.09
N THR A 83 -10.76 0.59 2.93
CA THR A 83 -12.11 0.79 3.49
C THR A 83 -13.07 -0.18 2.80
N PHE A 84 -12.92 -0.33 1.49
CA PHE A 84 -13.77 -1.25 0.71
C PHE A 84 -13.62 -2.67 1.26
N THR A 85 -12.38 -3.14 1.33
CA THR A 85 -12.11 -4.50 1.82
C THR A 85 -12.56 -4.65 3.28
N SER A 86 -12.31 -3.63 4.09
CA SER A 86 -12.69 -3.63 5.52
C SER A 86 -14.22 -3.83 5.64
N ARG A 87 -14.98 -3.04 4.90
CA ARG A 87 -16.47 -3.11 4.95
C ARG A 87 -16.97 -4.47 4.44
N LEU A 88 -16.30 -5.06 3.45
CA LEU A 88 -16.70 -6.39 2.94
C LEU A 88 -16.52 -7.42 4.06
N LEU A 89 -15.46 -7.29 4.83
CA LEU A 89 -15.14 -8.24 5.91
C LEU A 89 -16.11 -8.12 7.10
N GLN A 90 -16.57 -6.91 7.37
CA GLN A 90 -17.40 -6.58 8.56
C GLN A 90 -18.86 -6.94 8.27
N PRO A 91 -19.69 -7.05 9.33
CA PRO A 91 -21.10 -7.39 9.22
C PRO A 91 -21.86 -6.11 8.88
N ILE A 92 -21.45 -5.48 7.80
CA ILE A 92 -22.06 -4.28 7.20
C ILE A 92 -22.32 -4.61 5.73
N ARG A 93 -23.53 -4.28 5.27
CA ARG A 93 -24.04 -4.28 3.89
C ARG A 93 -23.20 -3.33 3.05
N VAL A 94 -22.51 -3.90 2.08
CA VAL A 94 -21.83 -3.11 1.02
C VAL A 94 -22.70 -3.27 -0.20
N PRO A 95 -23.10 -2.18 -0.89
CA PRO A 95 -23.95 -2.30 -2.06
C PRO A 95 -23.27 -3.20 -3.10
N ASN A 96 -24.04 -3.91 -3.90
CA ASN A 96 -23.51 -4.71 -5.04
C ASN A 96 -23.29 -3.75 -6.22
N TYR A 97 -22.23 -2.92 -6.17
CA TYR A 97 -21.96 -1.85 -7.15
C TYR A 97 -21.95 -2.41 -8.56
N ASN A 98 -22.66 -1.70 -9.46
CA ASN A 98 -22.77 -2.08 -10.89
C ASN A 98 -21.44 -1.77 -11.57
N LEU A 99 -20.75 -0.71 -11.15
CA LEU A 99 -19.47 -0.25 -11.74
C LEU A 99 -18.49 -0.01 -10.58
N ASN A 100 -17.36 -0.66 -10.71
CA ASN A 100 -16.27 -0.69 -9.71
C ASN A 100 -15.04 -0.07 -10.38
N ILE A 101 -14.65 1.11 -9.90
CA ILE A 101 -13.49 1.82 -10.46
C ILE A 101 -12.37 1.82 -9.43
N MET A 102 -11.22 1.27 -9.79
CA MET A 102 -10.07 1.25 -8.86
C MET A 102 -8.98 2.14 -9.44
N ASP A 103 -8.71 3.26 -8.77
CA ASP A 103 -7.55 4.10 -9.16
C ASP A 103 -6.28 3.55 -8.49
N GLU A 104 -5.16 3.78 -9.16
CA GLU A 104 -3.81 3.31 -8.75
C GLU A 104 -3.95 1.80 -8.46
N ALA A 105 -4.46 1.06 -9.43
CA ALA A 105 -4.90 -0.33 -9.32
C ALA A 105 -3.69 -1.29 -9.32
N HIS A 106 -2.48 -0.74 -9.35
CA HIS A 106 -1.27 -1.56 -9.20
C HIS A 106 -0.94 -1.79 -7.71
N PHE A 107 -1.62 -1.14 -6.79
CA PHE A 107 -1.24 -1.15 -5.34
C PHE A 107 -1.19 -2.61 -4.89
N THR A 108 -0.09 -3.01 -4.23
CA THR A 108 0.14 -4.43 -3.85
C THR A 108 -0.08 -4.64 -2.34
N ASP A 109 -0.69 -3.71 -1.62
CA ASP A 109 -1.05 -3.99 -0.20
C ASP A 109 -2.14 -5.05 -0.24
N PRO A 110 -2.19 -5.93 0.78
CA PRO A 110 -3.15 -7.03 0.78
C PRO A 110 -4.60 -6.63 0.56
N SER A 111 -5.04 -5.52 1.14
CA SER A 111 -6.45 -5.08 0.98
C SER A 111 -6.73 -4.68 -0.46
N SER A 112 -5.75 -4.15 -1.18
CA SER A 112 -5.92 -3.75 -2.60
C SER A 112 -5.99 -5.02 -3.47
N ILE A 113 -5.09 -5.96 -3.25
CA ILE A 113 -5.12 -7.25 -3.99
C ILE A 113 -6.47 -7.93 -3.74
N ALA A 114 -6.93 -7.99 -2.49
CA ALA A 114 -8.23 -8.61 -2.15
C ALA A 114 -9.37 -7.88 -2.88
N ALA A 115 -9.38 -6.54 -2.82
CA ALA A 115 -10.41 -5.76 -3.52
C ALA A 115 -10.42 -6.14 -5.01
N ARG A 116 -9.25 -6.21 -5.67
CA ARG A 116 -9.22 -6.59 -7.10
C ARG A 116 -9.79 -7.98 -7.31
N GLY A 117 -9.50 -8.89 -6.40
CA GLY A 117 -9.97 -10.28 -6.53
C GLY A 117 -11.49 -10.36 -6.42
N TYR A 118 -12.04 -9.68 -5.42
CA TYR A 118 -13.49 -9.62 -5.22
C TYR A 118 -14.18 -8.99 -6.45
N ILE A 119 -13.68 -7.84 -6.90
CA ILE A 119 -14.30 -7.08 -8.01
C ILE A 119 -14.21 -7.94 -9.28
N SER A 120 -13.04 -8.48 -9.58
CA SER A 120 -12.82 -9.24 -10.85
C SER A 120 -13.68 -10.50 -10.80
N THR A 121 -13.95 -11.08 -9.64
CA THR A 121 -14.80 -12.27 -9.51
C THR A 121 -16.25 -11.87 -9.81
N ARG A 122 -16.71 -10.75 -9.29
CA ARG A 122 -18.10 -10.28 -9.57
C ARG A 122 -18.23 -10.05 -11.08
N VAL A 123 -17.21 -9.48 -11.72
CA VAL A 123 -17.27 -9.22 -13.18
C VAL A 123 -17.33 -10.57 -13.92
N GLU A 124 -16.47 -11.53 -13.55
CA GLU A 124 -16.46 -12.87 -14.20
C GLU A 124 -17.82 -13.57 -14.01
N MET A 125 -18.47 -13.38 -12.87
CA MET A 125 -19.82 -13.92 -12.60
C MET A 125 -20.89 -13.28 -13.48
N GLY A 126 -20.64 -12.15 -14.14
CA GLY A 126 -21.61 -11.44 -14.98
C GLY A 126 -22.43 -10.41 -14.22
N GLU A 127 -21.99 -10.02 -13.03
CA GLU A 127 -22.77 -9.27 -12.02
C GLU A 127 -22.47 -7.77 -12.10
N ALA A 128 -21.37 -7.37 -12.72
CA ALA A 128 -20.82 -6.02 -12.54
C ALA A 128 -19.83 -5.71 -13.66
N ALA A 129 -19.46 -4.45 -13.78
CA ALA A 129 -18.37 -3.97 -14.63
C ALA A 129 -17.28 -3.40 -13.72
N ALA A 130 -16.08 -3.32 -14.23
CA ALA A 130 -14.96 -2.74 -13.48
C ALA A 130 -14.01 -2.03 -14.40
N ILE A 131 -13.37 -1.01 -13.86
CA ILE A 131 -12.28 -0.29 -14.56
C ILE A 131 -11.12 -0.22 -13.57
N PHE A 132 -9.98 -0.80 -13.95
CA PHE A 132 -8.73 -0.73 -13.17
C PHE A 132 -7.82 0.30 -13.84
N MET A 133 -7.56 1.44 -13.17
CA MET A 133 -6.75 2.53 -13.73
C MET A 133 -5.31 2.38 -13.21
N THR A 134 -4.39 2.07 -14.11
CA THR A 134 -2.95 2.05 -13.80
C THR A 134 -2.12 2.00 -15.08
N ALA A 135 -1.01 2.73 -15.10
CA ALA A 135 0.02 2.62 -16.14
C ALA A 135 0.71 1.25 -16.09
N THR A 136 0.64 0.53 -14.96
CA THR A 136 1.48 -0.65 -14.72
C THR A 136 0.63 -1.79 -14.21
N PRO A 137 -0.17 -2.45 -15.08
CA PRO A 137 -0.97 -3.59 -14.64
C PRO A 137 -0.09 -4.74 -14.21
N PRO A 138 -0.63 -5.75 -13.47
CA PRO A 138 0.18 -6.90 -13.04
C PRO A 138 0.96 -7.61 -14.16
N GLY A 139 2.23 -7.90 -13.92
CA GLY A 139 3.10 -8.61 -14.88
C GLY A 139 3.64 -7.70 -15.97
N THR A 140 3.37 -6.39 -15.93
CA THR A 140 4.06 -5.44 -16.83
C THR A 140 5.57 -5.68 -16.69
N ARG A 141 6.25 -5.63 -17.81
CA ARG A 141 7.69 -5.94 -17.96
C ARG A 141 8.45 -4.68 -18.39
N ASP A 142 7.76 -3.54 -18.46
CA ASP A 142 8.34 -2.28 -19.00
C ASP A 142 8.56 -1.29 -17.84
N ALA A 143 9.80 -1.10 -17.44
CA ALA A 143 10.16 -0.16 -16.35
C ALA A 143 10.26 1.28 -16.88
N PHE A 144 10.22 1.49 -18.19
CA PHE A 144 10.47 2.81 -18.81
C PHE A 144 9.33 3.20 -19.74
N PRO A 145 8.08 3.33 -19.22
CA PRO A 145 6.97 3.73 -20.08
C PRO A 145 7.08 5.17 -20.57
N ASP A 146 6.17 5.53 -21.46
CA ASP A 146 6.08 6.92 -21.96
C ASP A 146 5.82 7.88 -20.80
N SER A 147 6.14 9.16 -21.00
CA SER A 147 5.95 10.24 -20.03
C SER A 147 5.46 11.50 -20.79
N ASN A 148 5.03 12.48 -20.06
CA ASN A 148 4.54 13.76 -20.65
C ASN A 148 5.72 14.50 -21.29
N SER A 149 6.91 14.41 -20.71
CA SER A 149 8.13 14.96 -21.35
C SER A 149 9.30 14.01 -21.19
N PRO A 150 10.32 14.16 -22.05
CA PRO A 150 11.47 13.28 -22.04
C PRO A 150 12.14 13.23 -20.66
N ILE A 151 12.53 12.02 -20.30
CA ILE A 151 13.28 11.71 -19.05
C ILE A 151 14.72 11.28 -19.42
N MET A 152 15.68 11.77 -18.63
CA MET A 152 17.10 11.36 -18.70
C MET A 152 17.22 10.14 -17.76
N ASP A 153 17.29 8.93 -18.30
CA ASP A 153 17.43 7.65 -17.54
C ASP A 153 18.93 7.34 -17.39
N THR A 154 19.44 7.24 -16.16
CA THR A 154 20.86 6.91 -15.94
C THR A 154 20.97 5.80 -14.92
N GLU A 155 21.64 4.72 -15.30
CA GLU A 155 22.00 3.65 -14.35
C GLU A 155 23.22 4.14 -13.59
N VAL A 156 23.16 4.19 -12.27
CA VAL A 156 24.26 4.74 -11.44
C VAL A 156 24.23 4.07 -10.07
N GLU A 157 25.40 3.95 -9.41
CA GLU A 157 25.42 3.41 -8.05
C GLU A 157 24.75 4.44 -7.13
N VAL A 158 23.75 4.01 -6.39
CA VAL A 158 22.97 4.91 -5.49
C VAL A 158 23.34 4.52 -4.08
N PRO A 159 23.70 5.49 -3.20
CA PRO A 159 23.99 5.14 -1.82
C PRO A 159 22.75 4.63 -1.09
N GLU A 160 22.95 3.65 -0.19
CA GLU A 160 21.93 3.08 0.70
C GLU A 160 22.36 3.26 2.16
N ARG A 161 23.45 4.00 2.37
CA ARG A 161 24.00 4.32 3.69
C ARG A 161 24.50 5.74 3.64
N ALA A 162 24.82 6.31 4.79
CA ALA A 162 25.52 7.61 4.86
C ALA A 162 26.82 7.47 4.06
N TRP A 163 27.23 8.53 3.40
CA TRP A 163 28.49 8.58 2.61
C TRP A 163 29.25 9.86 2.94
N SER A 164 30.56 9.85 2.71
CA SER A 164 31.48 11.00 2.90
C SER A 164 32.05 11.46 1.55
N SER A 165 31.95 10.63 0.51
CA SER A 165 32.65 10.86 -0.76
C SER A 165 32.08 9.90 -1.81
N GLY A 166 32.27 10.21 -3.08
CA GLY A 166 32.03 9.28 -4.20
C GLY A 166 30.65 9.43 -4.82
N PHE A 167 29.80 10.30 -4.26
CA PHE A 167 28.42 10.54 -4.76
C PHE A 167 28.13 12.03 -4.89
N ASP A 168 29.10 12.81 -5.40
CA ASP A 168 28.93 14.30 -5.45
C ASP A 168 27.64 14.64 -6.20
N TRP A 169 27.29 13.88 -7.23
CA TRP A 169 26.11 14.16 -8.11
C TRP A 169 24.85 14.25 -7.25
N VAL A 170 24.80 13.52 -6.16
CA VAL A 170 23.59 13.53 -5.30
C VAL A 170 23.36 14.95 -4.77
N THR A 171 24.37 15.56 -4.17
CA THR A 171 24.25 16.83 -3.42
C THR A 171 24.50 18.02 -4.34
N ASP A 172 25.20 17.83 -5.47
CA ASP A 172 25.55 18.94 -6.40
C ASP A 172 24.31 19.52 -7.11
N HIS A 173 23.21 18.81 -7.11
CA HIS A 173 21.93 19.15 -7.79
C HIS A 173 21.21 20.33 -7.14
N SER A 174 20.62 21.24 -7.92
CA SER A 174 20.01 22.48 -7.36
C SER A 174 18.48 22.37 -7.33
N GLY A 175 17.91 21.31 -7.89
CA GLY A 175 16.44 21.14 -7.97
C GLY A 175 15.87 20.36 -6.80
N LYS A 176 14.76 19.68 -7.02
CA LYS A 176 14.09 18.89 -5.97
C LYS A 176 14.12 17.41 -6.37
N THR A 177 14.46 16.55 -5.41
CA THR A 177 14.67 15.11 -5.63
C THR A 177 13.67 14.32 -4.80
N VAL A 178 13.03 13.36 -5.44
CA VAL A 178 12.30 12.29 -4.71
C VAL A 178 13.17 11.05 -4.73
N TRP A 179 13.46 10.51 -3.56
CA TRP A 179 14.44 9.40 -3.38
C TRP A 179 13.70 8.22 -2.78
N PHE A 180 13.57 7.13 -3.55
CA PHE A 180 12.92 5.88 -3.09
C PHE A 180 13.96 4.99 -2.44
N VAL A 181 13.68 4.68 -1.19
CA VAL A 181 14.49 3.81 -0.30
C VAL A 181 13.71 2.53 0.00
N PRO A 182 14.40 1.44 0.37
CA PRO A 182 13.68 0.19 0.65
C PRO A 182 12.99 0.05 2.00
N SER A 183 13.28 0.94 2.94
CA SER A 183 12.74 0.82 4.32
C SER A 183 12.79 2.18 5.00
N VAL A 184 11.96 2.32 6.02
CA VAL A 184 12.01 3.54 6.88
C VAL A 184 13.41 3.70 7.47
N ARG A 185 13.97 2.62 8.02
CA ARG A 185 15.27 2.69 8.72
C ARG A 185 16.34 3.16 7.73
N ASN A 186 16.35 2.64 6.51
N ASN A 186 16.31 2.61 6.52
CA ASN A 186 17.35 3.05 5.49
CA ASN A 186 17.24 3.02 5.44
C ASN A 186 17.13 4.55 5.16
C ASN A 186 17.11 4.53 5.23
N GLY A 187 15.88 4.99 5.02
CA GLY A 187 15.62 6.41 4.70
C GLY A 187 16.10 7.31 5.83
N ASN A 188 15.97 6.84 7.08
CA ASN A 188 16.39 7.64 8.25
C ASN A 188 17.89 7.94 8.14
N GLU A 189 18.70 6.96 7.75
CA GLU A 189 20.17 7.14 7.66
C GLU A 189 20.52 8.10 6.52
N ILE A 190 19.89 7.94 5.36
CA ILE A 190 20.16 8.81 4.19
C ILE A 190 19.69 10.23 4.53
N ALA A 191 18.51 10.33 5.11
CA ALA A 191 17.95 11.65 5.47
C ALA A 191 18.91 12.36 6.42
N ALA A 192 19.45 11.67 7.42
CA ALA A 192 20.39 12.28 8.38
C ALA A 192 21.65 12.77 7.65
N CYS A 193 22.17 11.97 6.73
CA CYS A 193 23.37 12.33 5.95
C CYS A 193 23.08 13.60 5.13
N LEU A 194 21.93 13.68 4.44
CA LEU A 194 21.55 14.85 3.62
C LEU A 194 21.37 16.04 4.56
N THR A 195 20.69 15.87 5.69
CA THR A 195 20.46 16.98 6.65
C THR A 195 21.81 17.54 7.08
N LYS A 196 22.74 16.68 7.42
CA LYS A 196 24.10 17.10 7.84
C LYS A 196 24.77 17.88 6.73
N ALA A 197 24.50 17.58 5.44
CA ALA A 197 25.11 18.28 4.29
C ALA A 197 24.35 19.57 3.96
N GLY A 198 23.37 19.97 4.76
CA GLY A 198 22.68 21.27 4.60
C GLY A 198 21.39 21.15 3.80
N LYS A 199 20.93 19.93 3.53
CA LYS A 199 19.69 19.76 2.73
C LYS A 199 18.46 19.72 3.62
N ARG A 200 17.35 20.18 3.08
CA ARG A 200 16.02 20.08 3.72
C ARG A 200 15.31 18.83 3.25
N VAL A 201 15.02 17.94 4.19
CA VAL A 201 14.51 16.59 3.90
C VAL A 201 13.17 16.35 4.54
N ILE A 202 12.23 15.81 3.76
CA ILE A 202 10.94 15.30 4.27
C ILE A 202 11.00 13.80 4.07
N GLN A 203 10.59 13.03 5.08
CA GLN A 203 10.49 11.56 5.00
C GLN A 203 9.02 11.14 4.95
N LEU A 204 8.70 10.23 4.03
CA LEU A 204 7.35 9.65 3.86
C LEU A 204 7.40 8.15 4.02
N SER A 205 6.43 7.61 4.74
CA SER A 205 6.19 6.16 4.85
C SER A 205 4.69 5.95 5.05
N ARG A 206 4.24 4.70 5.01
CA ARG A 206 2.79 4.43 5.13
C ARG A 206 2.17 5.10 6.36
N LYS A 207 2.79 4.97 7.53
CA LYS A 207 2.18 5.42 8.81
C LYS A 207 2.17 6.95 8.85
N THR A 208 3.09 7.61 8.17
CA THR A 208 3.23 9.09 8.28
C THR A 208 2.68 9.78 7.03
N PHE A 209 2.26 9.03 6.01
CA PHE A 209 2.05 9.59 4.65
C PHE A 209 1.09 10.81 4.68
N GLU A 210 -0.12 10.75 5.22
CA GLU A 210 -1.03 11.94 5.03
C GLU A 210 -0.41 13.19 5.65
N THR A 211 -0.05 13.13 6.93
CA THR A 211 0.55 14.28 7.65
C THR A 211 1.79 14.82 6.94
N GLU A 212 2.76 13.95 6.66
CA GLU A 212 4.07 14.41 6.14
C GLU A 212 3.92 14.87 4.69
N PHE A 213 3.08 14.21 3.90
CA PHE A 213 2.91 14.60 2.48
C PHE A 213 2.54 16.09 2.40
N GLN A 214 1.74 16.61 3.34
CA GLN A 214 1.32 18.04 3.30
C GLN A 214 2.54 18.97 3.36
N LYS A 215 3.60 18.55 4.05
CA LYS A 215 4.84 19.36 4.15
C LYS A 215 5.45 19.58 2.77
N THR A 216 5.21 18.68 1.81
CA THR A 216 5.79 18.83 0.46
C THR A 216 5.13 20.01 -0.24
N LYS A 217 3.92 20.40 0.19
CA LYS A 217 3.22 21.58 -0.36
C LYS A 217 3.50 22.83 0.46
N ASN A 218 3.64 22.70 1.77
CA ASN A 218 3.61 23.84 2.74
C ASN A 218 5.02 24.35 3.01
N GLN A 219 6.07 23.55 2.75
CA GLN A 219 7.45 24.01 3.04
C GLN A 219 8.34 23.78 1.81
N GLU A 220 9.41 24.57 1.73
CA GLU A 220 10.44 24.35 0.70
C GLU A 220 11.28 23.16 1.18
N TRP A 221 11.68 22.36 0.23
CA TRP A 221 12.41 21.10 0.52
C TRP A 221 13.34 20.86 -0.65
N ASP A 222 14.40 20.11 -0.38
CA ASP A 222 15.42 19.69 -1.37
C ASP A 222 15.22 18.22 -1.72
N PHE A 223 14.90 17.39 -0.73
CA PHE A 223 14.72 15.92 -0.92
C PHE A 223 13.45 15.46 -0.22
N VAL A 224 12.71 14.59 -0.88
CA VAL A 224 11.73 13.72 -0.22
C VAL A 224 12.35 12.32 -0.20
N ILE A 225 12.52 11.76 0.97
CA ILE A 225 12.96 10.36 1.17
C ILE A 225 11.71 9.55 1.43
N THR A 226 11.41 8.60 0.57
CA THR A 226 10.13 7.87 0.65
C THR A 226 10.36 6.38 0.43
N THR A 227 9.52 5.59 1.09
CA THR A 227 9.29 4.19 0.75
C THR A 227 8.39 4.08 -0.47
N ASP A 228 8.12 2.86 -0.85
CA ASP A 228 7.31 2.50 -2.03
C ASP A 228 5.88 3.08 -1.94
N ILE A 229 5.43 3.63 -0.80
CA ILE A 229 4.03 4.15 -0.72
C ILE A 229 3.85 5.29 -1.74
N SER A 230 4.93 6.02 -2.09
CA SER A 230 4.82 7.15 -3.05
C SER A 230 4.69 6.63 -4.49
N GLU A 231 4.66 5.31 -4.72
CA GLU A 231 4.29 4.72 -6.03
C GLU A 231 2.80 4.91 -6.31
N MET A 232 2.01 5.25 -5.31
CA MET A 232 0.52 5.16 -5.43
C MET A 232 -0.09 6.56 -5.64
N GLY A 233 0.33 7.23 -6.71
CA GLY A 233 -0.32 8.46 -7.19
C GLY A 233 0.07 9.71 -6.40
N ALA A 234 1.12 9.66 -5.58
CA ALA A 234 1.72 10.81 -4.87
C ALA A 234 2.37 11.69 -5.91
N ASN A 235 1.99 12.97 -6.02
CA ASN A 235 2.70 13.86 -6.99
C ASN A 235 3.50 14.95 -6.29
N PHE A 236 4.63 15.25 -6.90
CA PHE A 236 5.67 16.15 -6.36
C PHE A 236 6.02 17.14 -7.46
N LYS A 237 6.41 18.35 -7.10
CA LYS A 237 6.95 19.29 -8.11
C LYS A 237 8.45 19.06 -8.10
N ALA A 238 8.91 17.99 -8.73
CA ALA A 238 10.33 17.57 -8.63
C ALA A 238 10.96 17.53 -10.01
N ASP A 239 12.28 17.55 -10.08
CA ASP A 239 12.95 17.40 -11.38
C ASP A 239 13.91 16.21 -11.37
N ARG A 240 13.93 15.43 -10.29
CA ARG A 240 14.78 14.22 -10.26
C ARG A 240 14.15 13.18 -9.35
N VAL A 241 14.26 11.93 -9.79
CA VAL A 241 14.01 10.76 -8.92
C VAL A 241 15.33 10.03 -8.79
N ILE A 242 15.71 9.73 -7.55
CA ILE A 242 16.80 8.78 -7.24
C ILE A 242 16.10 7.51 -6.78
N ASP A 243 16.40 6.41 -7.44
CA ASP A 243 15.69 5.16 -7.13
C ASP A 243 16.72 4.10 -6.79
N SER A 244 16.76 3.68 -5.52
CA SER A 244 17.57 2.51 -5.09
C SER A 244 17.23 1.28 -5.95
N ARG A 245 16.01 1.22 -6.48
CA ARG A 245 15.41 0.05 -7.15
C ARG A 245 15.38 -1.15 -6.18
N ARG A 246 15.21 -0.87 -4.88
CA ARG A 246 15.20 -1.92 -3.85
C ARG A 246 13.95 -1.77 -2.97
N CYS A 247 13.51 -2.88 -2.45
CA CYS A 247 12.34 -2.97 -1.54
C CYS A 247 12.56 -4.10 -0.55
N LEU A 248 11.74 -4.17 0.48
CA LEU A 248 11.72 -5.34 1.40
C LEU A 248 10.57 -6.24 0.94
N LYS A 249 10.76 -7.53 1.11
CA LYS A 249 9.75 -8.54 0.71
C LYS A 249 9.36 -9.31 1.95
N PRO A 250 8.12 -9.20 2.45
CA PRO A 250 7.69 -10.07 3.54
C PRO A 250 7.58 -11.48 2.95
N VAL A 251 8.16 -12.43 3.66
CA VAL A 251 8.22 -13.85 3.27
C VAL A 251 7.81 -14.70 4.47
N ILE A 252 6.85 -15.55 4.26
CA ILE A 252 6.43 -16.53 5.28
C ILE A 252 7.39 -17.72 5.20
N LEU A 253 8.10 -18.04 6.28
CA LEU A 253 9.05 -19.19 6.35
C LEU A 253 8.36 -20.37 7.03
N ASP A 254 8.22 -21.50 6.35
CA ASP A 254 7.73 -22.76 6.98
C ASP A 254 6.34 -22.60 7.61
N GLY A 255 5.48 -21.73 7.06
CA GLY A 255 4.12 -21.49 7.60
C GLY A 255 4.11 -20.89 9.01
N GLU A 256 5.26 -20.47 9.56
CA GLU A 256 5.51 -20.30 11.03
C GLU A 256 5.91 -18.88 11.46
N ARG A 257 6.55 -18.11 10.57
CA ARG A 257 7.08 -16.78 10.94
C ARG A 257 7.13 -15.97 9.66
N VAL A 258 7.14 -14.66 9.81
CA VAL A 258 7.30 -13.74 8.64
C VAL A 258 8.59 -12.96 8.85
N ILE A 259 9.44 -12.95 7.82
CA ILE A 259 10.69 -12.15 7.81
C ILE A 259 10.53 -11.07 6.74
N LEU A 260 11.26 -9.98 6.91
CA LEU A 260 11.39 -8.95 5.87
C LEU A 260 12.70 -9.20 5.16
N ALA A 261 12.61 -9.89 4.03
CA ALA A 261 13.76 -10.33 3.22
C ALA A 261 14.21 -9.16 2.37
N GLY A 262 15.50 -9.16 2.08
CA GLY A 262 16.11 -8.18 1.17
C GLY A 262 16.96 -7.22 1.98
N PRO A 263 17.12 -5.97 1.54
CA PRO A 263 16.44 -5.45 0.36
C PRO A 263 16.75 -6.19 -0.94
N MET A 264 15.79 -6.17 -1.84
CA MET A 264 15.94 -6.91 -3.10
C MET A 264 15.29 -6.08 -4.21
N PRO A 265 15.48 -6.47 -5.48
CA PRO A 265 15.00 -5.64 -6.56
C PRO A 265 13.48 -5.44 -6.51
N VAL A 266 13.08 -4.26 -6.98
CA VAL A 266 11.66 -3.94 -7.19
C VAL A 266 11.16 -4.67 -8.44
N THR A 267 9.84 -4.72 -8.58
CA THR A 267 9.23 -5.14 -9.85
C THR A 267 9.39 -4.09 -10.94
N HIS A 268 9.14 -4.48 -12.17
CA HIS A 268 9.08 -3.51 -13.29
C HIS A 268 7.99 -2.45 -13.02
N ALA A 269 6.82 -2.85 -12.55
CA ALA A 269 5.69 -1.94 -12.25
C ALA A 269 6.15 -0.91 -11.24
N SER A 270 6.79 -1.34 -10.15
CA SER A 270 7.24 -0.42 -9.09
C SER A 270 8.24 0.56 -9.71
N ALA A 271 9.22 0.04 -10.45
CA ALA A 271 10.30 0.90 -11.02
C ALA A 271 9.63 1.94 -11.93
N ALA A 272 8.69 1.51 -12.75
CA ALA A 272 7.99 2.47 -13.65
C ALA A 272 7.21 3.53 -12.85
N GLN A 273 6.55 3.17 -11.76
CA GLN A 273 5.80 4.13 -10.94
C GLN A 273 6.76 5.11 -10.24
N ARG A 274 7.92 4.62 -9.81
CA ARG A 274 8.91 5.48 -9.13
C ARG A 274 9.43 6.51 -10.13
N ARG A 275 9.87 6.03 -11.26
CA ARG A 275 10.28 6.88 -12.38
C ARG A 275 9.16 7.86 -12.74
N GLY A 276 7.94 7.37 -12.78
CA GLY A 276 6.79 8.13 -13.26
C GLY A 276 6.46 9.29 -12.36
N ARG A 277 7.17 9.48 -11.22
CA ARG A 277 6.96 10.69 -10.40
C ARG A 277 7.47 11.91 -11.15
N ILE A 278 8.38 11.72 -12.11
CA ILE A 278 8.93 12.89 -12.89
C ILE A 278 8.67 12.70 -14.38
N GLY A 279 9.01 13.69 -15.20
CA GLY A 279 8.66 13.71 -16.62
C GLY A 279 7.19 14.05 -16.84
N ARG A 280 6.52 14.60 -15.82
CA ARG A 280 5.06 14.79 -15.84
C ARG A 280 4.67 16.14 -16.45
N ASN A 281 5.62 17.06 -16.58
CA ASN A 281 5.29 18.42 -17.08
C ASN A 281 5.75 18.54 -18.54
N PRO A 282 4.85 18.65 -19.54
CA PRO A 282 5.28 18.63 -20.94
C PRO A 282 6.21 19.82 -21.25
N ASN A 283 6.15 20.87 -20.42
CA ASN A 283 6.95 22.11 -20.54
C ASN A 283 8.31 22.01 -19.83
N LYS A 284 8.61 20.91 -19.16
CA LYS A 284 9.89 20.76 -18.43
C LYS A 284 10.52 19.44 -18.81
N PRO A 285 11.11 19.34 -20.02
CA PRO A 285 11.89 18.18 -20.41
C PRO A 285 13.19 18.10 -19.62
N GLY A 286 13.71 16.89 -19.48
CA GLY A 286 15.06 16.64 -18.95
C GLY A 286 15.04 16.39 -17.47
N ASP A 287 13.87 16.07 -16.95
CA ASP A 287 13.83 15.51 -15.59
C ASP A 287 14.69 14.23 -15.61
N GLU A 288 15.32 13.93 -14.48
CA GLU A 288 16.33 12.88 -14.34
C GLU A 288 15.78 11.70 -13.56
N TYR A 289 16.10 10.49 -13.99
CA TYR A 289 15.80 9.25 -13.26
C TYR A 289 17.11 8.50 -13.08
N MET A 290 17.62 8.52 -11.85
CA MET A 290 18.88 7.85 -11.52
C MET A 290 18.55 6.53 -10.85
N TYR A 291 18.95 5.40 -11.40
CA TYR A 291 18.49 4.12 -10.82
C TYR A 291 19.66 3.21 -10.51
N GLY A 292 19.61 2.57 -9.33
CA GLY A 292 20.76 1.87 -8.71
C GLY A 292 20.72 0.37 -8.75
N GLY A 293 19.92 -0.22 -9.62
CA GLY A 293 19.79 -1.69 -9.70
C GLY A 293 18.79 -2.11 -10.76
N GLY A 294 18.74 -3.40 -11.03
CA GLY A 294 17.77 -3.98 -11.98
C GLY A 294 16.42 -4.25 -11.34
N CYS A 295 15.49 -4.74 -12.14
CA CYS A 295 14.15 -5.15 -11.69
C CYS A 295 14.12 -6.67 -11.65
N ALA A 296 13.21 -7.23 -10.86
CA ALA A 296 12.95 -8.68 -10.82
C ALA A 296 11.51 -8.90 -10.36
N GLU A 297 10.92 -10.06 -10.59
N GLU A 297 11.05 -10.15 -10.51
CA GLU A 297 9.49 -10.22 -10.20
CA GLU A 297 9.67 -10.61 -10.16
C GLU A 297 9.48 -10.77 -8.76
C GLU A 297 9.61 -10.89 -8.66
N THR A 298 9.81 -9.87 -7.82
CA THR A 298 9.89 -10.12 -6.35
C THR A 298 8.49 -10.16 -5.73
N ASP A 299 7.41 -10.00 -6.50
CA ASP A 299 6.04 -10.22 -5.98
C ASP A 299 5.76 -11.72 -5.91
N GLU A 300 6.56 -12.54 -6.59
CA GLU A 300 6.32 -14.00 -6.57
C GLU A 300 6.74 -14.51 -5.19
N GLY A 301 5.82 -15.12 -4.45
CA GLY A 301 6.06 -15.64 -3.09
C GLY A 301 6.04 -14.55 -2.04
N HIS A 302 5.60 -13.35 -2.39
CA HIS A 302 5.54 -12.21 -1.46
C HIS A 302 4.30 -12.42 -0.57
N ALA A 303 4.42 -12.22 0.74
CA ALA A 303 3.33 -12.56 1.69
C ALA A 303 2.05 -11.81 1.36
N HIS A 304 2.11 -10.62 0.75
CA HIS A 304 0.87 -9.84 0.54
C HIS A 304 -0.17 -10.64 -0.27
N TRP A 305 0.26 -11.51 -1.20
CA TRP A 305 -0.70 -12.29 -2.01
C TRP A 305 -1.34 -13.42 -1.17
N LEU A 306 -0.58 -14.05 -0.31
CA LEU A 306 -1.14 -15.04 0.64
C LEU A 306 -2.07 -14.29 1.60
N GLU A 307 -1.64 -13.15 2.14
CA GLU A 307 -2.55 -12.34 3.01
C GLU A 307 -3.86 -11.96 2.28
N ALA A 308 -3.80 -11.60 0.98
CA ALA A 308 -5.00 -11.28 0.19
C ALA A 308 -5.91 -12.51 0.15
N ARG A 309 -5.35 -13.71 0.03
CA ARG A 309 -6.18 -14.94 0.05
C ARG A 309 -6.82 -15.11 1.45
N MET A 310 -6.11 -14.76 2.53
CA MET A 310 -6.70 -14.86 3.87
C MET A 310 -7.90 -13.90 3.96
N LEU A 311 -7.81 -12.72 3.35
CA LEU A 311 -8.94 -11.77 3.40
C LEU A 311 -10.10 -12.33 2.56
N LEU A 312 -9.82 -12.75 1.33
CA LEU A 312 -10.90 -13.17 0.39
C LEU A 312 -11.59 -14.44 0.88
N ASP A 313 -10.89 -15.29 1.62
CA ASP A 313 -11.48 -16.53 2.17
C ASP A 313 -12.53 -16.16 3.22
N ASN A 314 -12.47 -14.95 3.74
CA ASN A 314 -13.34 -14.51 4.85
C ASN A 314 -14.30 -13.40 4.42
N ILE A 315 -14.52 -13.25 3.12
CA ILE A 315 -15.51 -12.31 2.55
C ILE A 315 -16.63 -13.13 1.94
N TYR A 316 -17.85 -12.87 2.38
CA TYR A 316 -19.04 -13.51 1.75
C TYR A 316 -19.17 -13.06 0.30
N LEU A 317 -19.40 -14.01 -0.60
CA LEU A 317 -19.64 -13.73 -2.03
C LEU A 317 -21.04 -14.26 -2.41
N GLN A 318 -21.22 -15.56 -2.31
CA GLN A 318 -22.51 -16.26 -2.61
C GLN A 318 -22.41 -17.68 -2.05
N ASP A 319 -23.28 -18.05 -1.11
CA ASP A 319 -23.24 -19.38 -0.45
C ASP A 319 -21.81 -19.65 0.07
N GLY A 320 -21.20 -20.74 -0.36
CA GLY A 320 -19.83 -21.09 0.08
C GLY A 320 -18.77 -20.69 -0.94
N LEU A 321 -19.16 -20.00 -2.01
CA LEU A 321 -18.21 -19.61 -3.08
C LEU A 321 -17.23 -18.59 -2.52
N ILE A 322 -16.03 -18.57 -3.08
CA ILE A 322 -14.97 -17.67 -2.57
C ILE A 322 -14.36 -16.95 -3.77
N ALA A 323 -14.15 -15.65 -3.64
CA ALA A 323 -13.56 -14.86 -4.73
C ALA A 323 -12.14 -15.34 -4.97
N SER A 324 -11.78 -15.36 -6.24
CA SER A 324 -10.43 -15.70 -6.75
C SER A 324 -9.61 -14.41 -6.79
N LEU A 325 -8.29 -14.49 -6.74
CA LEU A 325 -7.45 -13.34 -7.11
C LEU A 325 -7.64 -13.01 -8.58
N TYR A 326 -7.49 -11.75 -8.89
CA TYR A 326 -7.50 -11.20 -10.25
C TYR A 326 -6.50 -12.05 -11.06
N ARG A 327 -6.92 -12.59 -12.18
CA ARG A 327 -6.18 -13.63 -12.91
C ARG A 327 -4.70 -13.28 -13.10
N PRO A 328 -4.31 -12.09 -13.60
CA PRO A 328 -2.90 -11.81 -13.85
C PRO A 328 -2.01 -11.82 -12.61
N GLU A 329 -2.61 -11.79 -11.41
CA GLU A 329 -1.75 -11.81 -10.21
C GLU A 329 -2.00 -13.08 -9.41
N ALA A 330 -2.74 -14.06 -9.97
CA ALA A 330 -3.21 -15.24 -9.19
C ALA A 330 -2.09 -16.26 -8.96
N ASP A 331 -1.01 -16.26 -9.74
CA ASP A 331 0.06 -17.29 -9.56
C ASP A 331 1.15 -16.80 -8.60
N LYS A 332 0.98 -15.62 -8.00
CA LYS A 332 2.03 -15.03 -7.12
C LYS A 332 2.03 -15.78 -5.78
N VAL A 333 1.03 -16.61 -5.54
CA VAL A 333 0.90 -17.37 -4.25
C VAL A 333 0.46 -18.80 -4.56
N ALA A 334 0.96 -19.77 -3.79
CA ALA A 334 0.51 -21.18 -3.81
C ALA A 334 -0.51 -21.32 -2.68
N ALA A 335 -1.78 -21.18 -2.99
CA ALA A 335 -2.83 -21.20 -1.96
C ALA A 335 -4.07 -21.87 -2.52
N ILE A 336 -4.79 -22.55 -1.66
CA ILE A 336 -6.07 -23.24 -1.95
C ILE A 336 -7.19 -22.26 -1.57
N GLU A 337 -8.03 -21.86 -2.52
CA GLU A 337 -9.21 -20.99 -2.27
C GLU A 337 -10.04 -21.66 -1.15
N GLY A 338 -10.28 -20.94 -0.06
CA GLY A 338 -11.02 -21.45 1.10
C GLY A 338 -10.15 -22.02 2.22
N GLU A 339 -8.84 -22.20 2.07
CA GLU A 339 -8.03 -22.84 3.13
C GLU A 339 -8.03 -21.97 4.40
N PHE A 340 -8.26 -20.66 4.29
CA PHE A 340 -8.17 -19.72 5.44
C PHE A 340 -9.55 -19.29 5.90
N LYS A 341 -10.62 -19.93 5.42
CA LYS A 341 -11.99 -19.57 5.82
C LYS A 341 -12.18 -19.88 7.31
N LEU A 342 -12.54 -18.88 8.07
CA LEU A 342 -12.72 -19.05 9.54
C LEU A 342 -14.21 -19.14 9.88
N ARG A 343 -14.49 -19.87 10.95
CA ARG A 343 -15.85 -19.90 11.55
C ARG A 343 -16.17 -18.53 12.16
N THR A 344 -17.44 -18.27 12.43
CA THR A 344 -17.98 -16.90 12.63
C THR A 344 -17.18 -16.18 13.74
N GLU A 345 -16.98 -16.78 14.91
CA GLU A 345 -16.35 -16.07 16.06
C GLU A 345 -14.85 -15.87 15.78
N GLN A 346 -14.18 -16.85 15.20
CA GLN A 346 -12.74 -16.68 14.83
C GLN A 346 -12.62 -15.61 13.73
N ARG A 347 -13.56 -15.54 12.77
CA ARG A 347 -13.52 -14.48 11.73
C ARG A 347 -13.63 -13.11 12.38
N LYS A 348 -14.54 -12.95 13.34
CA LYS A 348 -14.70 -11.65 14.01
C LYS A 348 -13.37 -11.26 14.69
N THR A 349 -12.73 -12.22 15.33
CA THR A 349 -11.46 -11.99 16.04
C THR A 349 -10.40 -11.55 15.03
N PHE A 350 -10.31 -12.28 13.91
CA PHE A 350 -9.40 -11.94 12.79
C PHE A 350 -9.59 -10.48 12.34
N VAL A 351 -10.83 -10.10 12.08
CA VAL A 351 -11.14 -8.73 11.67
C VAL A 351 -10.72 -7.74 12.74
N GLU A 352 -11.05 -8.01 14.00
CA GLU A 352 -10.73 -7.00 15.05
C GLU A 352 -9.21 -6.89 15.23
N LEU A 353 -8.48 -8.01 15.15
CA LEU A 353 -6.99 -7.93 15.28
C LEU A 353 -6.40 -7.05 14.17
N MET A 354 -7.02 -7.00 13.01
CA MET A 354 -6.53 -6.10 11.93
C MET A 354 -7.05 -4.68 12.18
N LYS A 355 -8.35 -4.53 12.38
CA LYS A 355 -8.98 -3.19 12.40
C LYS A 355 -8.58 -2.40 13.66
N ARG A 356 -8.72 -3.00 14.82
CA ARG A 356 -8.40 -2.33 16.11
C ARG A 356 -6.95 -2.67 16.49
N GLY A 357 -6.57 -3.93 16.33
CA GLY A 357 -5.23 -4.39 16.74
C GLY A 357 -4.12 -3.84 15.85
N ASP A 358 -4.46 -3.45 14.63
CA ASP A 358 -3.47 -2.95 13.63
C ASP A 358 -2.37 -4.00 13.41
N LEU A 359 -2.70 -5.28 13.54
CA LEU A 359 -1.71 -6.33 13.25
C LEU A 359 -1.69 -6.64 11.77
N PRO A 360 -0.54 -7.09 11.23
CA PRO A 360 -0.47 -7.60 9.87
C PRO A 360 -1.48 -8.73 9.69
N VAL A 361 -2.04 -8.85 8.48
CA VAL A 361 -3.04 -9.91 8.18
C VAL A 361 -2.55 -11.29 8.63
N TRP A 362 -1.33 -11.66 8.25
CA TRP A 362 -0.83 -13.02 8.54
C TRP A 362 -0.87 -13.25 10.06
N LEU A 363 -0.36 -12.30 10.84
CA LEU A 363 -0.28 -12.46 12.30
C LEU A 363 -1.70 -12.52 12.89
N ALA A 364 -2.59 -11.61 12.47
CA ALA A 364 -4.01 -11.64 12.91
C ALA A 364 -4.60 -13.03 12.64
N TYR A 365 -4.29 -13.61 11.49
CA TYR A 365 -4.83 -14.94 11.13
C TYR A 365 -4.29 -15.98 12.11
N GLN A 366 -3.00 -15.97 12.43
CA GLN A 366 -2.41 -17.00 13.29
C GLN A 366 -3.16 -16.96 14.62
N VAL A 367 -3.34 -15.77 15.16
CA VAL A 367 -3.96 -15.60 16.50
C VAL A 367 -5.41 -16.07 16.45
N ALA A 368 -6.19 -15.59 15.49
CA ALA A 368 -7.63 -15.89 15.41
C ALA A 368 -7.78 -17.40 15.19
N SER A 369 -6.95 -17.99 14.32
CA SER A 369 -7.17 -19.41 13.92
C SER A 369 -6.75 -20.32 15.06
N ALA A 370 -5.98 -19.83 16.02
CA ALA A 370 -5.57 -20.57 17.23
C ALA A 370 -6.68 -20.57 18.29
N GLY A 371 -7.78 -19.85 18.06
CA GLY A 371 -8.91 -19.80 19.01
C GLY A 371 -8.66 -18.84 20.15
N ILE A 372 -7.72 -17.91 19.99
CA ILE A 372 -7.42 -16.83 20.96
C ILE A 372 -8.41 -15.70 20.74
N THR A 373 -8.95 -15.10 21.82
CA THR A 373 -9.86 -13.94 21.69
C THR A 373 -9.09 -12.62 21.61
N TYR A 374 -9.74 -11.56 21.11
CA TYR A 374 -9.04 -10.33 20.73
C TYR A 374 -8.21 -9.77 21.90
N THR A 375 -8.77 -9.75 23.11
CA THR A 375 -8.12 -9.11 24.30
C THR A 375 -7.12 -10.02 25.01
N ASP A 376 -6.95 -11.27 24.58
CA ASP A 376 -6.07 -12.25 25.25
C ASP A 376 -4.67 -12.10 24.65
N ARG A 377 -3.75 -11.48 25.38
CA ARG A 377 -2.41 -11.13 24.87
C ARG A 377 -1.36 -12.07 25.42
N ARG A 378 -1.75 -13.18 26.05
CA ARG A 378 -0.75 -14.12 26.60
C ARG A 378 0.24 -14.56 25.50
N TRP A 379 -0.23 -14.80 24.28
CA TRP A 379 0.62 -15.20 23.14
C TRP A 379 1.74 -14.20 22.83
N CYS A 380 1.68 -12.97 23.31
CA CYS A 380 2.75 -11.98 23.04
C CYS A 380 3.99 -12.29 23.86
N PHE A 381 3.90 -13.19 24.84
CA PHE A 381 4.96 -13.44 25.84
C PHE A 381 5.41 -14.90 25.87
N ASP A 382 4.77 -15.84 25.18
CA ASP A 382 5.03 -17.29 25.43
C ASP A 382 5.69 -17.97 24.23
N GLY A 383 6.31 -17.21 23.33
CA GLY A 383 7.11 -17.77 22.24
C GLY A 383 8.47 -18.29 22.69
N THR A 384 9.18 -18.94 21.77
CA THR A 384 10.57 -19.43 21.94
C THR A 384 11.50 -18.25 22.19
N THR A 385 12.64 -18.46 22.85
CA THR A 385 13.68 -17.41 23.05
C THR A 385 14.05 -16.74 21.71
N ASN A 386 14.00 -17.46 20.60
CA ASN A 386 14.47 -16.91 19.30
C ASN A 386 13.41 -15.96 18.72
N ASN A 387 12.21 -15.88 19.32
CA ASN A 387 11.15 -14.91 18.93
C ASN A 387 11.27 -13.64 19.78
N THR A 388 12.30 -13.51 20.60
CA THR A 388 12.53 -12.31 21.41
C THR A 388 12.66 -11.09 20.48
N ILE A 389 11.85 -10.07 20.70
CA ILE A 389 12.00 -8.83 19.92
C ILE A 389 13.05 -7.95 20.59
N MET A 390 13.97 -7.42 19.79
CA MET A 390 15.11 -6.63 20.30
C MET A 390 14.86 -5.16 20.00
N GLU A 391 15.11 -4.30 20.99
N GLU A 391 15.15 -4.31 20.98
CA GLU A 391 15.03 -2.82 20.88
CA GLU A 391 15.03 -2.83 20.96
C GLU A 391 16.36 -2.22 21.34
C GLU A 391 16.39 -2.25 21.36
N ASP A 392 17.15 -1.67 20.43
CA ASP A 392 18.51 -1.12 20.71
C ASP A 392 19.39 -2.23 21.29
N SER A 393 19.39 -3.40 20.65
CA SER A 393 20.27 -4.56 20.95
C SER A 393 19.99 -5.16 22.33
N VAL A 394 18.86 -4.86 22.97
CA VAL A 394 18.41 -5.48 24.25
C VAL A 394 16.98 -5.98 24.05
N PRO A 395 16.53 -7.08 24.67
CA PRO A 395 15.16 -7.55 24.50
C PRO A 395 14.17 -6.47 24.93
N ALA A 396 13.15 -6.23 24.11
CA ALA A 396 12.06 -5.27 24.38
C ALA A 396 11.28 -5.81 25.58
N GLU A 397 10.82 -4.89 26.41
CA GLU A 397 10.06 -5.25 27.61
C GLU A 397 8.81 -4.40 27.68
N VAL A 398 7.73 -4.97 28.20
CA VAL A 398 6.50 -4.19 28.45
C VAL A 398 5.95 -4.60 29.81
N TRP A 399 5.09 -3.76 30.36
CA TRP A 399 4.27 -4.18 31.51
C TRP A 399 3.00 -4.78 30.95
N THR A 400 2.72 -5.99 31.33
CA THR A 400 1.48 -6.67 30.89
C THR A 400 0.29 -5.94 31.52
N LYS A 401 -0.89 -6.26 31.03
CA LYS A 401 -2.16 -5.75 31.57
C LYS A 401 -2.30 -6.22 33.02
N TYR A 402 -1.51 -7.21 33.46
CA TYR A 402 -1.53 -7.70 34.86
C TYR A 402 -0.58 -6.90 35.73
N GLY A 403 0.24 -6.04 35.13
CA GLY A 403 1.22 -5.21 35.85
C GLY A 403 2.53 -5.92 36.03
N GLU A 404 2.83 -6.95 35.24
CA GLU A 404 4.09 -7.73 35.33
C GLU A 404 5.02 -7.25 34.20
N LYS A 405 6.29 -6.95 34.48
CA LYS A 405 7.26 -6.65 33.40
C LYS A 405 7.66 -7.96 32.74
N ARG A 406 7.49 -8.06 31.43
CA ARG A 406 7.87 -9.25 30.66
C ARG A 406 8.58 -8.88 29.39
N VAL A 407 9.44 -9.81 28.96
CA VAL A 407 10.11 -9.75 27.66
C VAL A 407 9.07 -10.06 26.58
N LEU A 408 9.10 -9.26 25.53
CA LEU A 408 8.22 -9.43 24.37
C LEU A 408 8.77 -10.59 23.52
N LYS A 409 8.03 -11.66 23.45
CA LYS A 409 8.46 -12.94 22.85
C LYS A 409 7.24 -13.58 22.22
N PRO A 410 6.72 -13.00 21.11
CA PRO A 410 5.46 -13.48 20.56
C PRO A 410 5.53 -14.92 20.09
N ARG A 411 4.43 -15.63 20.26
CA ARG A 411 4.31 -17.06 19.86
C ARG A 411 4.56 -17.18 18.35
N TRP A 412 4.10 -16.20 17.58
CA TRP A 412 4.30 -16.09 16.11
C TRP A 412 5.05 -14.79 15.89
N MET A 413 6.18 -14.87 15.18
CA MET A 413 7.03 -13.69 14.96
C MET A 413 6.74 -13.18 13.53
N ASP A 414 6.24 -11.97 13.42
CA ASP A 414 6.05 -11.26 12.14
C ASP A 414 6.90 -10.00 12.20
N ALA A 415 7.99 -9.98 11.43
CA ALA A 415 8.99 -8.88 11.38
C ALA A 415 8.33 -7.51 11.19
N ARG A 416 7.15 -7.46 10.62
CA ARG A 416 6.49 -6.15 10.38
C ARG A 416 6.08 -5.49 11.69
N VAL A 417 5.94 -6.23 12.80
CA VAL A 417 5.54 -5.55 14.08
C VAL A 417 6.72 -4.80 14.70
N CYS A 418 7.92 -4.92 14.18
CA CYS A 418 9.11 -4.27 14.77
C CYS A 418 10.06 -3.81 13.65
N SER A 419 9.51 -3.47 12.47
CA SER A 419 10.28 -3.05 11.25
C SER A 419 10.99 -1.69 11.50
N ASP A 420 10.47 -0.89 12.42
CA ASP A 420 10.99 0.45 12.75
C ASP A 420 10.53 0.80 14.16
N HIS A 421 11.02 1.89 14.73
CA HIS A 421 10.72 2.26 16.13
C HIS A 421 9.19 2.41 16.30
N ALA A 422 8.50 3.08 15.38
CA ALA A 422 7.04 3.34 15.46
C ALA A 422 6.27 2.02 15.48
N ALA A 423 6.64 1.07 14.62
CA ALA A 423 5.95 -0.25 14.59
C ALA A 423 6.11 -0.92 15.96
N LEU A 424 7.34 -1.00 16.46
CA LEU A 424 7.59 -1.72 17.73
C LEU A 424 6.84 -0.99 18.85
N LYS A 425 6.81 0.34 18.83
CA LYS A 425 6.06 1.10 19.87
C LYS A 425 4.60 0.65 19.85
N SER A 426 4.00 0.59 18.67
CA SER A 426 2.60 0.15 18.49
C SER A 426 2.40 -1.28 18.98
N PHE A 427 3.31 -2.18 18.64
CA PHE A 427 3.16 -3.58 19.08
C PHE A 427 3.33 -3.70 20.61
N LYS A 428 4.23 -2.93 21.22
CA LYS A 428 4.37 -2.94 22.68
C LYS A 428 3.05 -2.54 23.33
N GLU A 429 2.40 -1.52 22.80
CA GLU A 429 1.09 -1.03 23.31
C GLU A 429 0.07 -2.14 23.17
N PHE A 430 0.10 -2.86 22.04
CA PHE A 430 -0.80 -4.01 21.85
C PHE A 430 -0.53 -5.08 22.89
N ALA A 431 0.73 -5.47 23.07
CA ALA A 431 1.06 -6.57 23.99
C ALA A 431 0.64 -6.21 25.43
N ALA A 432 0.69 -4.92 25.75
CA ALA A 432 0.34 -4.40 27.09
C ALA A 432 -1.19 -4.34 27.32
N GLY A 433 -1.99 -4.57 26.29
CA GLY A 433 -3.45 -4.49 26.40
C GLY A 433 -3.99 -3.07 26.22
N LYS A 434 -3.24 -2.17 25.61
CA LYS A 434 -3.58 -0.74 25.55
C LYS A 434 -4.52 -0.45 24.38
N ARG A 435 -4.80 -1.44 23.54
CA ARG A 435 -5.90 -1.27 22.55
C ARG A 435 -6.44 -2.65 22.19
#